data_4WUQ
#
_entry.id   4WUQ
#
_cell.length_a   62.601
_cell.length_b   71.204
_cell.length_c   119.935
_cell.angle_alpha   90.000
_cell.angle_beta   90.000
_cell.angle_gamma   90.000
#
_symmetry.space_group_name_H-M   'P 21 21 21'
#
loop_
_entity.id
_entity.type
_entity.pdbx_description
1 polymer 'Carbonic anhydrase 1'
2 non-polymer 'ZINC ION'
3 non-polymer 2,3,5,6-tetrafluoro-4-(piperidin-1-yl)benzenesulfonamide
4 non-polymer DI(HYDROXYETHYL)ETHER
5 water water
#
_entity_poly.entity_id   1
_entity_poly.type   'polypeptide(L)'
_entity_poly.pdbx_seq_one_letter_code
;MSPDWGYDDKNGPEQWSKLYPIANGNNQSPVDIKTSETKHDTSLKPISVSYNPATAKEIINVGHSFHVNFEDNDNRSVLK
GGPFSDSYRLFQFHFHWGSTNEHGSEHTVDGVKYSAELHVAHWNSAKYSSLAEAASKADGLAVIGVLMKVGEANPKLQKV
LDALQAIKTKGKRAPFTNFDPSTLLPSSLDFWTYPGSLTHPPLYESVTWIICKESISVSSEQLAQFRSLLSNVEGDNAVP
MQHNNRPTQPLKGRTVRASF
;
_entity_poly.pdbx_strand_id   A,B
#
# COMPACT_ATOMS: atom_id res chain seq x y z
N PRO A 3 20.29 13.01 31.04
CA PRO A 3 19.51 11.86 30.59
C PRO A 3 20.18 11.11 29.43
N ASP A 4 19.87 9.83 29.31
CA ASP A 4 20.47 8.95 28.31
C ASP A 4 20.11 9.30 26.86
N TRP A 5 19.14 10.21 26.65
CA TRP A 5 18.61 10.48 25.29
C TRP A 5 18.31 11.93 25.09
N GLY A 6 18.37 12.36 23.83
CA GLY A 6 17.99 13.70 23.43
C GLY A 6 17.63 13.71 21.97
N TYR A 7 17.83 14.87 21.34
CA TYR A 7 17.63 15.02 19.91
C TYR A 7 18.94 15.38 19.20
N ASP A 8 20.06 15.35 19.91
CA ASP A 8 21.36 15.75 19.31
C ASP A 8 21.85 14.64 18.41
N ASP A 9 22.88 14.89 17.59
CA ASP A 9 23.46 13.80 16.77
C ASP A 9 23.81 12.53 17.55
N LYS A 10 24.44 12.68 18.72
CA LYS A 10 24.89 11.54 19.51
C LYS A 10 23.82 10.80 20.30
N ASN A 11 22.85 11.53 20.80
CA ASN A 11 21.86 10.87 21.68
C ASN A 11 20.46 10.85 21.06
N GLY A 12 20.37 11.11 19.76
CA GLY A 12 19.06 11.43 19.17
C GLY A 12 18.42 10.23 18.55
N PRO A 13 17.37 10.47 17.76
CA PRO A 13 16.51 9.41 17.34
C PRO A 13 17.21 8.25 16.68
N GLU A 14 18.27 8.53 15.90
CA GLU A 14 19.04 7.49 15.21
C GLU A 14 19.67 6.47 16.18
N GLN A 15 19.90 6.91 17.43
CA GLN A 15 20.61 6.19 18.49
C GLN A 15 19.69 5.55 19.53
N TRP A 16 18.39 5.87 19.53
CA TRP A 16 17.55 5.45 20.65
C TRP A 16 17.44 3.99 20.82
N SER A 17 17.62 3.26 19.73
CA SER A 17 17.35 1.80 19.75
C SER A 17 18.39 1.07 20.63
N LYS A 18 19.55 1.70 20.82
CA LYS A 18 20.59 1.09 21.65
C LYS A 18 20.15 0.83 23.06
N LEU A 19 19.43 1.78 23.65
CA LEU A 19 18.91 1.60 25.01
C LEU A 19 17.43 1.28 25.03
N TYR A 20 16.73 1.63 23.95
CA TYR A 20 15.30 1.32 23.82
C TYR A 20 15.03 0.56 22.55
N PRO A 21 15.20 -0.76 22.59
CA PRO A 21 15.10 -1.57 21.35
C PRO A 21 13.71 -1.55 20.69
N ILE A 22 12.68 -1.19 21.46
CA ILE A 22 11.30 -0.97 20.97
C ILE A 22 11.34 0.14 19.89
N ALA A 23 12.39 0.95 19.85
CA ALA A 23 12.51 1.99 18.80
C ALA A 23 12.30 1.34 17.44
N ASN A 24 12.75 0.08 17.30
CA ASN A 24 12.55 -0.66 16.03
C ASN A 24 11.31 -1.57 15.97
N GLY A 25 10.28 -1.29 16.79
CA GLY A 25 9.15 -2.17 16.96
C GLY A 25 8.12 -2.03 15.85
N ASN A 26 6.98 -2.68 16.03
CA ASN A 26 5.95 -2.73 14.99
C ASN A 26 4.87 -1.68 15.10
N ASN A 27 4.94 -0.89 16.21
CA ASN A 27 3.89 0.05 16.45
C ASN A 27 4.45 1.41 16.83
N GLN A 28 5.52 1.82 16.15
CA GLN A 28 6.23 3.06 16.51
C GLN A 28 5.64 4.30 15.83
N SER A 29 5.79 5.46 16.48
CA SER A 29 5.20 6.73 16.03
C SER A 29 6.32 7.75 16.04
N PRO A 30 6.24 8.82 15.22
CA PRO A 30 5.08 9.14 14.37
C PRO A 30 5.17 8.33 13.05
N VAL A 31 4.19 8.57 12.19
CA VAL A 31 4.12 7.93 10.86
C VAL A 31 3.75 8.99 9.81
N ASP A 32 4.08 8.66 8.56
CA ASP A 32 3.47 9.32 7.38
C ASP A 32 2.13 8.76 7.04
N ILE A 33 1.13 9.62 7.00
CA ILE A 33 -0.22 9.17 6.74
C ILE A 33 -0.37 9.31 5.23
N LYS A 34 -0.49 8.18 4.54
CA LYS A 34 -0.72 8.20 3.07
C LYS A 34 -2.26 8.12 2.78
N THR A 35 -2.87 9.17 2.23
CA THR A 35 -4.32 9.30 2.30
C THR A 35 -4.98 8.26 1.33
N SER A 36 -4.20 7.81 0.34
CA SER A 36 -4.76 6.77 -0.59
C SER A 36 -4.64 5.33 0.01
N GLU A 37 -4.03 5.20 1.18
CA GLU A 37 -3.93 3.91 1.89
C GLU A 37 -4.79 3.87 3.18
N THR A 38 -5.43 4.97 3.51
CA THR A 38 -6.34 5.00 4.67
C THR A 38 -7.67 4.26 4.45
N LYS A 39 -8.27 3.77 5.53
CA LYS A 39 -9.53 3.07 5.43
C LYS A 39 -10.57 3.82 6.18
N HIS A 40 -11.57 4.28 5.43
CA HIS A 40 -12.66 5.09 5.96
C HIS A 40 -13.41 4.10 6.82
N ASP A 41 -13.81 4.48 8.03
CA ASP A 41 -14.44 3.53 8.96
C ASP A 41 -15.64 4.07 9.75
N THR A 42 -16.82 3.50 9.48
CA THR A 42 -18.12 4.02 10.01
C THR A 42 -18.43 3.63 11.47
N SER A 43 -17.77 2.60 12.00
CA SER A 43 -17.71 2.35 13.46
C SER A 43 -17.15 3.53 14.35
N LEU A 44 -16.27 4.37 13.82
CA LEU A 44 -15.78 5.58 14.55
C LEU A 44 -16.91 6.51 14.98
N LYS A 45 -16.85 7.07 16.20
CA LYS A 45 -17.72 8.14 16.57
C LYS A 45 -16.95 9.47 16.48
N PRO A 46 -17.69 10.58 16.51
CA PRO A 46 -17.01 11.88 16.64
C PRO A 46 -16.21 11.94 17.95
N ILE A 47 -15.12 12.70 17.88
CA ILE A 47 -14.32 13.00 19.06
C ILE A 47 -15.05 14.01 19.89
N SER A 48 -15.11 13.74 21.18
CA SER A 48 -15.70 14.62 22.16
C SER A 48 -14.65 14.98 23.23
N VAL A 49 -14.34 16.26 23.35
CA VAL A 49 -13.47 16.73 24.46
C VAL A 49 -14.27 17.61 25.37
N SER A 50 -14.12 17.36 26.65
CA SER A 50 -14.69 18.25 27.61
C SER A 50 -13.62 18.50 28.72
N TYR A 51 -12.97 19.63 28.64
CA TYR A 51 -11.92 19.97 29.60
C TYR A 51 -12.35 21.13 30.48
N ASN A 52 -11.94 21.07 31.75
CA ASN A 52 -12.26 22.07 32.73
C ASN A 52 -11.05 22.97 32.93
N PRO A 53 -11.14 24.31 32.65
CA PRO A 53 -9.89 25.09 32.74
C PRO A 53 -9.28 25.10 34.14
N ALA A 54 -10.08 24.77 35.15
CA ALA A 54 -9.59 24.72 36.55
C ALA A 54 -8.55 23.58 36.74
N THR A 55 -8.51 22.62 35.82
CA THR A 55 -7.47 21.54 35.88
C THR A 55 -6.09 21.93 35.36
N ALA A 56 -5.93 23.10 34.76
CA ALA A 56 -4.60 23.43 34.31
C ALA A 56 -3.74 23.73 35.57
N LYS A 57 -2.53 23.21 35.62
CA LYS A 57 -1.68 23.26 36.83
C LYS A 57 -0.37 24.03 36.68
N GLU A 58 0.46 23.65 35.69
CA GLU A 58 1.84 24.11 35.70
C GLU A 58 2.43 24.03 34.31
N ILE A 59 3.44 24.85 34.03
CA ILE A 59 4.17 24.76 32.82
C ILE A 59 5.62 24.49 33.25
N ILE A 60 6.31 23.60 32.56
N ILE A 60 6.32 23.59 32.55
CA ILE A 60 7.65 23.26 33.03
CA ILE A 60 7.67 23.20 33.02
C ILE A 60 8.61 23.01 31.89
C ILE A 60 8.63 22.98 31.88
N ASN A 61 9.86 23.46 32.05
CA ASN A 61 10.86 23.24 31.07
C ASN A 61 11.55 21.97 31.34
N VAL A 62 11.39 21.00 30.44
CA VAL A 62 11.97 19.65 30.69
C VAL A 62 13.23 19.39 29.88
N GLY A 63 13.84 20.46 29.39
CA GLY A 63 15.12 20.36 28.71
C GLY A 63 15.09 20.14 27.22
N HIS A 64 14.34 19.13 26.80
CA HIS A 64 14.13 18.88 25.35
C HIS A 64 12.86 19.49 24.79
N SER A 65 12.04 19.98 25.70
CA SER A 65 10.70 20.55 25.41
C SER A 65 10.13 21.28 26.60
N PHE A 66 8.89 21.72 26.54
CA PHE A 66 8.23 22.19 27.72
C PHE A 66 6.84 21.53 27.75
N HIS A 67 6.29 21.37 28.93
CA HIS A 67 5.01 20.69 29.09
C HIS A 67 4.06 21.56 29.87
N VAL A 68 2.77 21.50 29.54
CA VAL A 68 1.72 22.14 30.34
C VAL A 68 0.97 21.00 30.94
N ASN A 69 1.04 20.91 32.26
CA ASN A 69 0.43 19.74 32.97
C ASN A 69 -0.85 20.11 33.63
N PHE A 70 -1.72 19.11 33.68
CA PHE A 70 -3.01 19.23 34.33
C PHE A 70 -3.19 18.32 35.55
N GLU A 71 -3.94 18.81 36.51
CA GLU A 71 -4.39 17.99 37.63
C GLU A 71 -5.18 16.85 37.03
N ASP A 72 -4.82 15.61 37.40
CA ASP A 72 -5.46 14.40 36.85
C ASP A 72 -5.91 13.40 37.89
N ASN A 73 -6.45 13.95 38.98
CA ASN A 73 -6.97 13.11 40.12
C ASN A 73 -8.43 12.77 39.95
N ASP A 74 -9.11 13.38 38.98
CA ASP A 74 -10.48 12.96 38.67
C ASP A 74 -10.84 13.23 37.25
N ASN A 75 -12.10 12.96 36.87
CA ASN A 75 -12.53 13.18 35.46
C ASN A 75 -13.09 14.52 35.09
N ARG A 76 -12.58 15.58 35.67
CA ARG A 76 -13.02 16.94 35.28
C ARG A 76 -12.70 17.23 33.80
N SER A 77 -11.59 16.70 33.26
CA SER A 77 -11.20 16.95 31.86
C SER A 77 -10.99 15.64 31.14
N VAL A 78 -11.85 15.40 30.17
CA VAL A 78 -11.86 14.07 29.52
C VAL A 78 -12.02 14.13 28.00
N LEU A 79 -11.51 13.10 27.33
CA LEU A 79 -11.68 12.76 25.91
C LEU A 79 -12.52 11.46 25.81
N LYS A 80 -13.51 11.46 24.92
CA LYS A 80 -14.38 10.31 24.66
C LYS A 80 -14.63 10.24 23.16
N GLY A 81 -15.22 9.13 22.73
CA GLY A 81 -15.68 9.05 21.37
C GLY A 81 -14.57 8.52 20.47
N GLY A 82 -14.63 8.89 19.21
CA GLY A 82 -13.70 8.34 18.20
C GLY A 82 -13.71 6.82 18.30
N PRO A 83 -12.49 6.22 18.33
CA PRO A 83 -12.23 4.77 18.41
C PRO A 83 -12.42 4.19 19.81
N PHE A 84 -12.67 5.02 20.81
CA PHE A 84 -12.67 4.65 22.23
C PHE A 84 -14.02 4.30 22.84
N SER A 85 -14.00 3.29 23.70
CA SER A 85 -15.14 3.02 24.54
C SER A 85 -14.98 3.57 25.98
N ASP A 86 -13.74 3.80 26.41
CA ASP A 86 -13.43 4.32 27.75
C ASP A 86 -13.26 5.81 27.64
N SER A 87 -13.48 6.56 28.72
CA SER A 87 -13.09 7.94 28.67
C SER A 87 -11.65 8.07 29.17
N TYR A 88 -10.93 9.02 28.57
CA TYR A 88 -9.46 9.21 28.79
C TYR A 88 -9.25 10.54 29.47
N ARG A 89 -8.40 10.61 30.49
CA ARG A 89 -8.34 11.80 31.31
C ARG A 89 -7.14 12.63 30.81
N LEU A 90 -7.40 13.91 30.53
CA LEU A 90 -6.34 14.84 30.17
C LEU A 90 -5.22 14.89 31.22
N PHE A 91 -3.95 14.85 30.81
CA PHE A 91 -2.88 15.16 31.75
C PHE A 91 -1.86 16.19 31.31
N GLN A 92 -1.75 16.43 29.99
CA GLN A 92 -0.69 17.33 29.54
C GLN A 92 -0.95 17.75 28.06
N PHE A 93 -0.47 18.94 27.68
CA PHE A 93 -0.22 19.12 26.24
C PHE A 93 1.19 19.63 26.07
N HIS A 94 1.74 19.48 24.88
CA HIS A 94 3.05 20.06 24.60
C HIS A 94 3.20 20.10 23.09
N PHE A 95 4.36 20.60 22.65
CA PHE A 95 4.55 20.76 21.19
C PHE A 95 5.81 20.10 20.77
N HIS A 96 5.89 19.82 19.46
CA HIS A 96 7.16 19.51 18.80
C HIS A 96 7.36 20.51 17.69
N TRP A 97 8.63 20.79 17.47
CA TRP A 97 9.04 21.74 16.38
C TRP A 97 10.35 21.40 15.82
N GLY A 98 10.72 22.07 14.72
CA GLY A 98 11.99 21.81 14.07
C GLY A 98 12.85 23.05 14.05
N SER A 99 13.99 22.92 13.36
CA SER A 99 15.02 23.97 13.33
C SER A 99 14.68 25.11 12.41
N THR A 100 13.88 24.82 11.38
CA THR A 100 13.39 25.86 10.45
C THR A 100 11.93 25.59 10.21
N ASN A 101 11.24 26.56 9.60
CA ASN A 101 9.81 26.40 9.34
C ASN A 101 9.49 25.19 8.44
N GLU A 102 10.47 24.71 7.70
CA GLU A 102 10.12 23.75 6.66
C GLU A 102 9.92 22.33 7.17
N HIS A 103 10.23 22.09 8.45
CA HIS A 103 9.91 20.80 9.06
C HIS A 103 9.70 21.03 10.57
N GLY A 104 9.40 19.98 11.31
CA GLY A 104 9.08 20.23 12.70
C GLY A 104 7.95 19.41 13.22
N SER A 105 6.89 19.14 12.39
CA SER A 105 5.84 18.24 12.89
C SER A 105 6.47 16.84 13.02
N GLU A 106 5.80 16.01 13.79
CA GLU A 106 6.19 14.61 13.91
C GLU A 106 5.46 13.80 12.84
N HIS A 107 4.16 13.83 12.86
CA HIS A 107 3.41 13.14 11.74
C HIS A 107 3.59 13.96 10.50
N THR A 108 3.48 13.28 9.34
CA THR A 108 3.43 13.96 8.04
C THR A 108 2.23 13.38 7.31
N VAL A 109 1.78 14.10 6.28
CA VAL A 109 0.63 13.60 5.52
C VAL A 109 0.98 13.63 4.07
N ASP A 110 1.01 12.43 3.44
CA ASP A 110 1.53 12.30 2.04
C ASP A 110 2.85 12.97 1.84
N GLY A 111 3.75 12.75 2.83
CA GLY A 111 5.11 13.24 2.82
C GLY A 111 5.24 14.72 3.21
N VAL A 112 4.17 15.43 3.47
CA VAL A 112 4.28 16.88 3.66
C VAL A 112 4.55 17.09 5.14
N LYS A 113 5.56 17.87 5.37
CA LYS A 113 5.98 18.18 6.79
C LYS A 113 5.41 19.52 7.15
N TYR A 114 4.88 19.65 8.37
CA TYR A 114 4.39 20.94 8.89
C TYR A 114 5.44 21.52 9.83
N SER A 115 5.21 22.72 10.33
CA SER A 115 6.27 23.44 11.05
C SER A 115 6.30 22.97 12.52
N ALA A 116 5.17 22.53 13.04
CA ALA A 116 5.19 22.06 14.45
C ALA A 116 3.98 21.16 14.63
N GLU A 117 3.85 20.59 15.80
CA GLU A 117 2.73 19.65 16.10
C GLU A 117 2.37 19.83 17.57
N LEU A 118 1.08 19.89 17.82
CA LEU A 118 0.54 19.96 19.20
C LEU A 118 0.11 18.56 19.56
N HIS A 119 0.48 18.13 20.77
CA HIS A 119 0.05 16.80 21.33
C HIS A 119 -0.73 17.07 22.57
N VAL A 120 -1.94 16.55 22.66
CA VAL A 120 -2.78 16.76 23.86
C VAL A 120 -2.97 15.30 24.35
N ALA A 121 -2.43 14.99 25.54
CA ALA A 121 -2.21 13.59 25.94
C ALA A 121 -3.16 13.24 27.11
N HIS A 122 -3.59 11.97 27.10
CA HIS A 122 -4.65 11.55 28.06
C HIS A 122 -4.34 10.13 28.42
N TRP A 123 -4.85 9.69 29.61
CA TRP A 123 -4.61 8.31 30.00
C TRP A 123 -5.97 7.70 30.37
N ASN A 124 -6.01 6.39 30.23
CA ASN A 124 -7.29 5.63 30.30
C ASN A 124 -7.59 5.40 31.78
N SER A 125 -8.47 6.25 32.33
CA SER A 125 -8.79 6.22 33.77
C SER A 125 -9.97 5.26 34.00
N ALA A 126 -10.46 4.61 32.95
CA ALA A 126 -11.55 3.64 33.18
C ALA A 126 -10.91 2.36 33.59
N LYS A 127 -9.78 2.06 32.96
CA LYS A 127 -9.03 0.83 33.18
C LYS A 127 -7.88 0.92 34.20
N TYR A 128 -7.28 2.08 34.38
CA TYR A 128 -6.00 2.24 35.17
C TYR A 128 -6.22 3.30 36.18
N SER A 129 -5.35 3.35 37.17
N SER A 129 -5.37 3.35 37.21
CA SER A 129 -5.55 4.24 38.30
CA SER A 129 -5.57 4.30 38.29
C SER A 129 -4.55 5.38 38.31
C SER A 129 -4.56 5.44 38.27
N SER A 130 -3.59 5.36 37.36
CA SER A 130 -2.60 6.44 37.28
C SER A 130 -1.99 6.47 35.91
N LEU A 131 -1.42 7.62 35.57
CA LEU A 131 -0.61 7.74 34.41
C LEU A 131 0.54 6.71 34.39
N ALA A 132 1.26 6.52 35.52
CA ALA A 132 2.44 5.65 35.38
C ALA A 132 1.98 4.22 35.10
N GLU A 133 0.85 3.82 35.62
CA GLU A 133 0.32 2.46 35.33
C GLU A 133 -0.11 2.38 33.84
N ALA A 134 -0.89 3.36 33.38
CA ALA A 134 -1.45 3.40 32.03
C ALA A 134 -0.35 3.46 30.95
N ALA A 135 0.78 4.11 31.21
CA ALA A 135 1.76 4.48 30.14
C ALA A 135 2.39 3.31 29.40
N SER A 136 2.42 2.12 30.01
CA SER A 136 3.03 0.96 29.37
C SER A 136 1.96 0.01 28.77
N LYS A 137 0.67 0.36 28.86
CA LYS A 137 -0.41 -0.55 28.44
C LYS A 137 -0.83 -0.23 27.02
N ALA A 138 -1.12 -1.26 26.22
CA ALA A 138 -1.46 -1.01 24.80
C ALA A 138 -2.61 -0.05 24.63
N ASP A 139 -3.55 -0.07 25.55
CA ASP A 139 -4.72 0.81 25.53
C ASP A 139 -4.65 1.93 26.60
N GLY A 140 -3.42 2.28 27.03
CA GLY A 140 -3.27 3.17 28.17
C GLY A 140 -3.37 4.66 27.88
N LEU A 141 -2.93 5.07 26.68
CA LEU A 141 -2.81 6.46 26.34
C LEU A 141 -3.55 6.81 25.03
N ALA A 142 -4.07 8.03 25.03
CA ALA A 142 -4.71 8.60 23.81
C ALA A 142 -4.11 10.02 23.61
N VAL A 143 -3.56 10.25 22.43
CA VAL A 143 -2.95 11.53 22.16
C VAL A 143 -3.61 12.12 20.92
N ILE A 144 -4.07 13.35 21.02
CA ILE A 144 -4.54 14.11 19.84
C ILE A 144 -3.30 14.82 19.30
N GLY A 145 -3.00 14.63 17.98
CA GLY A 145 -1.92 15.40 17.32
C GLY A 145 -2.57 16.38 16.37
N VAL A 146 -2.09 17.63 16.45
CA VAL A 146 -2.67 18.72 15.61
C VAL A 146 -1.48 19.27 14.84
N LEU A 147 -1.50 19.15 13.51
CA LEU A 147 -0.39 19.70 12.68
C LEU A 147 -0.49 21.21 12.64
N MET A 148 0.65 21.88 12.79
CA MET A 148 0.69 23.37 12.85
C MET A 148 1.45 23.90 11.63
N LYS A 149 0.74 24.76 10.90
CA LYS A 149 1.11 25.21 9.60
C LYS A 149 1.53 26.65 9.70
N VAL A 150 2.78 26.89 9.32
CA VAL A 150 3.32 28.26 9.42
C VAL A 150 2.44 29.20 8.56
N GLY A 151 1.99 30.31 9.11
CA GLY A 151 1.11 31.30 8.42
C GLY A 151 0.80 32.42 9.41
N GLU A 152 -0.47 32.73 9.59
CA GLU A 152 -0.93 33.82 10.43
C GLU A 152 -0.62 33.47 11.90
N ALA A 153 -0.18 34.46 12.64
CA ALA A 153 -0.12 34.25 14.14
C ALA A 153 -1.41 33.65 14.67
N ASN A 154 -1.27 32.73 15.64
CA ASN A 154 -2.44 32.12 16.25
C ASN A 154 -2.66 32.72 17.65
N PRO A 155 -3.72 33.46 17.85
CA PRO A 155 -3.85 34.20 19.11
C PRO A 155 -4.15 33.24 20.31
N LYS A 156 -4.59 32.02 20.01
CA LYS A 156 -4.98 31.05 20.99
C LYS A 156 -3.74 30.56 21.69
N LEU A 157 -2.57 30.74 21.07
CA LEU A 157 -1.31 30.33 21.69
C LEU A 157 -0.79 31.31 22.70
N GLN A 158 -1.49 32.43 22.87
CA GLN A 158 -0.93 33.58 23.54
C GLN A 158 -0.55 33.28 24.98
N LYS A 159 -1.44 32.66 25.76
CA LYS A 159 -1.13 32.48 27.19
C LYS A 159 0.06 31.58 27.27
N VAL A 160 0.17 30.60 26.38
CA VAL A 160 1.27 29.65 26.45
C VAL A 160 2.57 30.35 26.19
N LEU A 161 2.59 31.12 25.09
CA LEU A 161 3.82 31.83 24.73
C LEU A 161 4.25 32.86 25.76
N ASP A 162 3.29 33.59 26.33
CA ASP A 162 3.54 34.60 27.34
C ASP A 162 4.12 33.96 28.58
N ALA A 163 3.88 32.67 28.75
CA ALA A 163 4.36 31.95 29.97
C ALA A 163 5.82 31.53 29.87
N LEU A 164 6.35 31.42 28.63
CA LEU A 164 7.63 30.81 28.44
C LEU A 164 8.76 31.63 29.16
N GLN A 165 8.55 32.94 29.29
CA GLN A 165 9.61 33.80 29.85
C GLN A 165 9.93 33.41 31.30
N ALA A 166 8.98 32.73 31.97
CA ALA A 166 9.17 32.24 33.37
C ALA A 166 9.78 30.90 33.48
N ILE A 167 9.90 30.18 32.36
CA ILE A 167 10.53 28.88 32.40
C ILE A 167 11.61 28.75 31.37
N LYS A 168 12.41 29.81 31.20
CA LYS A 168 13.44 29.85 30.17
C LYS A 168 14.45 28.69 30.11
N THR A 169 14.86 28.11 31.27
CA THR A 169 15.96 27.14 31.35
C THR A 169 15.42 25.87 32.03
N LYS A 170 16.21 24.84 31.85
CA LYS A 170 15.80 23.49 32.20
C LYS A 170 15.45 23.33 33.67
N GLY A 171 14.32 22.68 33.96
CA GLY A 171 13.86 22.51 35.35
C GLY A 171 13.02 23.59 35.91
N LYS A 172 12.97 24.78 35.26
CA LYS A 172 12.18 25.81 35.79
C LYS A 172 10.71 25.41 35.60
N ARG A 173 9.90 25.65 36.63
N ARG A 173 9.88 25.74 36.58
CA ARG A 173 8.45 25.35 36.64
CA ARG A 173 8.47 25.37 36.52
C ARG A 173 7.75 26.63 37.03
C ARG A 173 7.65 26.44 37.19
N ALA A 174 6.50 26.77 36.61
CA ALA A 174 5.66 27.86 37.06
C ALA A 174 4.19 27.46 37.04
N PRO A 175 3.32 28.08 37.89
CA PRO A 175 1.94 27.79 37.84
C PRO A 175 1.38 28.25 36.48
N PHE A 176 0.45 27.47 35.96
CA PHE A 176 -0.23 27.81 34.66
C PHE A 176 -1.62 27.36 34.82
N THR A 177 -2.55 28.31 35.10
CA THR A 177 -3.87 27.95 35.56
C THR A 177 -4.92 28.50 34.60
N ASN A 178 -6.11 28.02 34.77
CA ASN A 178 -7.35 28.56 34.14
C ASN A 178 -7.27 28.53 32.64
N PHE A 179 -7.01 27.35 32.11
CA PHE A 179 -6.78 27.23 30.66
C PHE A 179 -7.37 25.93 30.16
N ASP A 180 -8.18 26.07 29.10
CA ASP A 180 -8.82 24.94 28.48
C ASP A 180 -8.19 24.70 27.08
N PRO A 181 -7.40 23.61 26.93
CA PRO A 181 -6.63 23.41 25.74
C PRO A 181 -7.48 22.95 24.57
N SER A 182 -8.75 22.69 24.77
CA SER A 182 -9.62 22.46 23.55
C SER A 182 -9.74 23.75 22.68
N THR A 183 -9.45 24.91 23.26
CA THR A 183 -9.32 26.17 22.50
C THR A 183 -8.21 26.18 21.44
N LEU A 184 -7.25 25.26 21.56
CA LEU A 184 -6.15 25.10 20.62
C LEU A 184 -6.51 24.16 19.44
N LEU A 185 -7.57 23.37 19.59
CA LEU A 185 -7.91 22.38 18.54
C LEU A 185 -8.56 23.07 17.32
N PRO A 186 -8.44 22.41 16.16
CA PRO A 186 -9.07 23.00 14.97
C PRO A 186 -10.59 22.95 15.05
N SER A 187 -11.27 23.74 14.22
CA SER A 187 -12.73 23.74 14.38
C SER A 187 -13.35 22.44 13.84
N SER A 188 -12.77 21.83 12.81
CA SER A 188 -13.23 20.49 12.43
C SER A 188 -12.42 19.49 13.27
N LEU A 189 -13.12 18.59 13.92
CA LEU A 189 -12.44 17.43 14.52
C LEU A 189 -12.45 16.13 13.69
N ASP A 190 -12.57 16.23 12.36
CA ASP A 190 -12.28 15.04 11.57
C ASP A 190 -10.85 14.55 11.84
N PHE A 191 -10.65 13.25 11.90
CA PHE A 191 -9.36 12.70 12.27
C PHE A 191 -8.98 11.41 11.59
N TRP A 192 -7.69 11.09 11.69
CA TRP A 192 -7.22 9.77 11.41
C TRP A 192 -6.90 9.12 12.73
N THR A 193 -6.96 7.79 12.81
CA THR A 193 -6.47 7.15 14.03
C THR A 193 -5.62 5.94 13.68
N TYR A 194 -4.58 5.60 14.49
CA TYR A 194 -3.86 4.37 14.28
C TYR A 194 -3.23 4.01 15.66
N PRO A 195 -2.92 2.73 15.87
CA PRO A 195 -2.20 2.32 17.08
C PRO A 195 -0.74 2.59 16.98
N GLY A 196 -0.19 3.32 17.97
CA GLY A 196 1.22 3.61 17.89
C GLY A 196 1.88 3.81 19.25
N SER A 197 2.82 4.75 19.32
CA SER A 197 3.69 4.74 20.53
C SER A 197 3.93 6.13 20.95
N LEU A 198 4.56 6.25 22.10
CA LEU A 198 5.13 7.51 22.52
C LEU A 198 6.26 7.85 21.47
N THR A 199 6.46 9.14 21.17
CA THR A 199 7.40 9.46 20.11
C THR A 199 8.79 9.81 20.60
N HIS A 200 9.03 9.61 21.91
CA HIS A 200 10.40 9.63 22.42
C HIS A 200 10.50 8.62 23.55
N PRO A 201 11.74 8.31 23.95
CA PRO A 201 11.91 7.29 25.03
C PRO A 201 10.98 7.61 26.20
N PRO A 202 10.35 6.58 26.75
CA PRO A 202 10.71 5.17 26.58
C PRO A 202 10.05 4.51 25.35
N LEU A 203 9.29 5.31 24.54
CA LEU A 203 8.80 4.80 23.26
C LEU A 203 7.81 3.62 23.42
N TYR A 204 7.07 3.53 24.54
CA TYR A 204 6.15 2.43 24.75
C TYR A 204 5.02 2.49 23.68
N GLU A 205 4.60 1.32 23.26
CA GLU A 205 3.57 1.21 22.21
C GLU A 205 2.20 1.18 22.87
N SER A 206 1.90 2.28 23.56
CA SER A 206 0.71 2.41 24.36
C SER A 206 -0.26 3.51 23.90
N VAL A 207 -0.02 4.11 22.73
CA VAL A 207 -0.82 5.24 22.33
C VAL A 207 -1.81 4.94 21.18
N THR A 208 -3.04 5.30 21.37
CA THR A 208 -3.98 5.37 20.21
C THR A 208 -3.84 6.87 19.76
N TRP A 209 -3.35 7.02 18.52
CA TRP A 209 -3.23 8.35 17.98
C TRP A 209 -4.50 8.88 17.35
N ILE A 210 -4.80 10.17 17.57
CA ILE A 210 -5.93 10.82 16.95
C ILE A 210 -5.33 12.03 16.24
N ILE A 211 -5.22 12.01 14.91
CA ILE A 211 -4.46 13.06 14.20
C ILE A 211 -5.56 13.84 13.49
N CYS A 212 -5.65 15.12 13.80
CA CYS A 212 -6.62 15.99 13.18
C CYS A 212 -6.35 16.20 11.70
N LYS A 213 -7.41 16.13 10.90
CA LYS A 213 -7.24 16.45 9.48
C LYS A 213 -6.90 17.91 9.19
N GLU A 214 -7.53 18.83 9.91
CA GLU A 214 -7.32 20.26 9.73
C GLU A 214 -6.14 20.71 10.61
N SER A 215 -5.30 21.54 10.03
CA SER A 215 -4.15 22.08 10.76
C SER A 215 -4.63 23.32 11.50
N ILE A 216 -3.82 23.76 12.47
CA ILE A 216 -4.02 25.08 13.04
C ILE A 216 -2.80 25.94 12.62
N SER A 217 -2.93 27.25 12.72
N SER A 217 -2.93 27.25 12.73
CA SER A 217 -1.82 28.07 12.26
CA SER A 217 -1.88 28.15 12.25
C SER A 217 -0.80 28.31 13.39
C SER A 217 -0.89 28.48 13.39
N VAL A 218 0.30 28.93 12.99
CA VAL A 218 1.34 29.41 13.94
C VAL A 218 2.17 30.37 13.10
N SER A 219 2.60 31.52 13.69
CA SER A 219 3.51 32.36 12.89
C SER A 219 4.98 31.93 12.98
N SER A 220 5.81 32.41 12.04
N SER A 220 5.81 32.41 12.03
CA SER A 220 7.24 32.21 12.06
CA SER A 220 7.24 32.23 12.07
C SER A 220 7.82 32.75 13.39
C SER A 220 7.81 32.74 13.40
N GLU A 221 7.25 33.86 13.87
CA GLU A 221 7.81 34.51 15.14
C GLU A 221 7.36 33.66 16.37
N GLN A 222 6.18 33.07 16.27
CA GLN A 222 5.73 32.17 17.36
C GLN A 222 6.57 30.94 17.43
N LEU A 223 6.94 30.35 16.30
CA LEU A 223 7.82 29.25 16.29
C LEU A 223 9.16 29.68 16.87
N ALA A 224 9.56 30.93 16.60
CA ALA A 224 10.86 31.38 17.17
C ALA A 224 10.85 31.36 18.70
N GLN A 225 9.72 31.65 19.30
CA GLN A 225 9.59 31.65 20.75
C GLN A 225 9.80 30.26 21.27
N PHE A 226 9.24 29.23 20.64
CA PHE A 226 9.63 27.88 21.04
C PHE A 226 11.10 27.59 20.96
N ARG A 227 11.75 27.94 19.86
CA ARG A 227 13.13 27.65 19.65
C ARG A 227 14.05 28.45 20.53
N SER A 228 13.54 29.48 21.19
CA SER A 228 14.46 30.30 21.98
C SER A 228 14.39 29.79 23.44
N LEU A 229 13.52 28.82 23.71
CA LEU A 229 13.61 28.16 25.06
C LEU A 229 14.96 27.53 25.22
N LEU A 230 15.48 27.43 26.46
CA LEU A 230 16.85 26.91 26.59
C LEU A 230 16.90 25.56 27.28
N SER A 231 17.70 24.68 26.72
CA SER A 231 17.84 23.33 27.23
C SER A 231 18.86 23.22 28.42
N ASN A 232 19.72 24.21 28.56
CA ASN A 232 20.72 24.26 29.67
C ASN A 232 20.05 24.74 30.95
N VAL A 233 20.65 24.47 32.10
CA VAL A 233 20.18 25.07 33.38
C VAL A 233 20.72 26.49 33.55
N GLU A 234 20.02 27.26 34.36
CA GLU A 234 20.33 28.65 34.64
C GLU A 234 21.83 28.79 34.95
N GLY A 235 22.50 29.75 34.29
CA GLY A 235 23.92 30.02 34.63
C GLY A 235 24.88 29.50 33.61
N ASP A 236 24.48 28.39 32.96
CA ASP A 236 25.31 27.78 31.89
C ASP A 236 25.22 28.52 30.56
N ASN A 237 26.10 28.17 29.61
CA ASN A 237 26.01 28.71 28.28
C ASN A 237 24.67 28.31 27.70
N ALA A 238 24.02 29.32 27.13
CA ALA A 238 22.64 29.19 26.60
C ALA A 238 22.70 28.16 25.48
N VAL A 239 21.84 27.14 25.50
CA VAL A 239 21.78 26.13 24.40
C VAL A 239 20.28 26.10 23.96
N PRO A 240 19.92 26.79 22.86
CA PRO A 240 18.48 26.82 22.51
C PRO A 240 17.98 25.43 22.09
N MET A 241 16.68 25.23 22.28
CA MET A 241 16.03 24.02 21.94
C MET A 241 15.59 24.15 20.48
N GLN A 242 16.45 23.77 19.57
CA GLN A 242 16.17 24.09 18.16
C GLN A 242 15.14 23.14 17.56
N HIS A 243 15.12 21.88 18.04
CA HIS A 243 14.18 20.89 17.45
C HIS A 243 13.91 19.75 18.40
N ASN A 244 12.76 19.07 18.26
CA ASN A 244 12.52 17.91 19.15
C ASN A 244 11.48 17.00 18.49
N ASN A 245 11.53 16.93 17.15
CA ASN A 245 10.69 15.96 16.45
C ASN A 245 11.40 14.68 16.05
N ARG A 246 10.72 13.55 16.20
CA ARG A 246 11.25 12.31 15.72
C ARG A 246 10.89 12.10 14.22
N PRO A 247 11.82 11.50 13.43
CA PRO A 247 11.44 11.06 12.04
C PRO A 247 10.24 10.12 12.01
N THR A 248 9.50 10.05 10.88
CA THR A 248 8.45 9.09 10.77
C THR A 248 9.03 7.65 10.65
N GLN A 249 8.23 6.71 11.15
CA GLN A 249 8.57 5.30 11.33
C GLN A 249 7.71 4.46 10.40
N PRO A 250 8.19 3.24 10.10
CA PRO A 250 7.44 2.32 9.22
C PRO A 250 6.11 1.88 9.75
N LEU A 251 5.07 1.91 8.92
CA LEU A 251 3.80 1.41 9.36
C LEU A 251 3.80 -0.08 9.76
N LYS A 252 4.69 -0.88 9.18
CA LYS A 252 4.73 -2.33 9.49
C LYS A 252 3.35 -2.95 9.44
N GLY A 253 2.58 -2.63 8.42
CA GLY A 253 1.30 -3.27 8.27
C GLY A 253 0.12 -2.75 9.03
N ARG A 254 0.28 -1.66 9.81
CA ARG A 254 -0.86 -1.12 10.50
C ARG A 254 -1.76 -0.40 9.49
N THR A 255 -2.98 -0.22 9.88
CA THR A 255 -3.89 0.53 9.06
C THR A 255 -4.23 1.82 9.73
N VAL A 256 -4.01 2.89 8.97
CA VAL A 256 -4.54 4.15 9.42
C VAL A 256 -6.00 4.35 9.02
N ARG A 257 -6.85 4.58 9.98
CA ARG A 257 -8.27 4.74 9.69
C ARG A 257 -8.68 6.19 9.69
N ALA A 258 -9.56 6.58 8.75
CA ALA A 258 -10.08 7.94 8.64
C ALA A 258 -11.47 8.04 9.10
N SER A 259 -11.80 9.07 9.84
CA SER A 259 -13.16 9.22 10.28
C SER A 259 -14.06 9.88 9.19
N PHE A 260 -13.49 10.24 8.06
CA PHE A 260 -14.15 11.23 7.15
C PHE A 260 -13.92 10.71 5.75
N ASP B 4 17.21 -19.19 -13.87
CA ASP B 4 17.27 -20.64 -14.33
C ASP B 4 16.62 -20.86 -15.71
N TRP B 5 15.60 -20.06 -16.04
CA TRP B 5 15.07 -20.05 -17.43
C TRP B 5 14.64 -18.64 -17.71
N GLY B 6 14.57 -18.29 -18.99
CA GLY B 6 14.15 -16.99 -19.42
C GLY B 6 13.81 -16.98 -20.87
N TYR B 7 14.04 -15.83 -21.52
CA TYR B 7 13.74 -15.70 -22.94
C TYR B 7 14.96 -15.30 -23.76
N ASP B 8 16.12 -15.27 -23.10
CA ASP B 8 17.32 -14.90 -23.85
C ASP B 8 17.97 -16.09 -24.52
N ASP B 9 18.99 -15.84 -25.32
CA ASP B 9 19.60 -16.90 -26.11
C ASP B 9 20.14 -17.99 -25.19
N LYS B 10 20.57 -17.65 -23.98
CA LYS B 10 21.25 -18.65 -23.16
C LYS B 10 20.29 -19.51 -22.36
N ASN B 11 19.07 -19.02 -22.18
CA ASN B 11 18.20 -19.65 -21.20
C ASN B 11 16.74 -19.74 -21.74
N GLY B 12 16.61 -19.53 -23.04
CA GLY B 12 15.26 -19.36 -23.71
C GLY B 12 14.64 -20.63 -24.18
N PRO B 13 13.49 -20.50 -24.88
CA PRO B 13 12.66 -21.60 -25.32
C PRO B 13 13.41 -22.72 -25.97
N GLU B 14 14.43 -22.42 -26.78
CA GLU B 14 15.16 -23.52 -27.48
C GLU B 14 15.98 -24.41 -26.54
N GLN B 15 16.23 -23.90 -25.31
N GLN B 15 16.20 -23.96 -25.30
CA GLN B 15 16.95 -24.63 -24.27
CA GLN B 15 16.89 -24.83 -24.39
C GLN B 15 16.13 -25.23 -23.14
C GLN B 15 16.19 -25.07 -23.05
N TRP B 16 14.87 -24.77 -22.98
CA TRP B 16 14.06 -25.22 -21.86
C TRP B 16 13.98 -26.72 -21.62
N SER B 17 14.07 -27.55 -22.69
CA SER B 17 13.89 -28.99 -22.55
C SER B 17 15.00 -29.62 -21.68
N LYS B 18 16.15 -28.96 -21.55
CA LYS B 18 17.23 -29.54 -20.67
C LYS B 18 16.79 -29.63 -19.21
N LEU B 19 16.27 -28.53 -18.72
CA LEU B 19 15.74 -28.47 -17.37
C LEU B 19 14.24 -28.94 -17.27
N TYR B 20 13.48 -28.87 -18.35
CA TYR B 20 12.05 -29.20 -18.33
C TYR B 20 11.77 -30.03 -19.52
N PRO B 21 12.05 -31.35 -19.44
CA PRO B 21 11.97 -32.21 -20.61
C PRO B 21 10.58 -32.28 -21.32
N ILE B 22 9.51 -31.99 -20.58
CA ILE B 22 8.13 -31.90 -21.09
C ILE B 22 8.00 -30.86 -22.21
N ALA B 23 9.01 -29.99 -22.34
CA ALA B 23 9.02 -28.98 -23.41
C ALA B 23 8.90 -29.61 -24.79
N ASN B 24 9.28 -30.89 -24.91
CA ASN B 24 9.21 -31.60 -26.18
C ASN B 24 8.07 -32.60 -26.14
N GLY B 25 7.07 -32.39 -25.27
CA GLY B 25 5.92 -33.33 -25.08
C GLY B 25 4.90 -33.19 -26.20
N ASN B 26 3.80 -33.90 -26.10
CA ASN B 26 2.88 -33.95 -27.24
C ASN B 26 1.68 -32.97 -27.08
N ASN B 27 1.66 -32.20 -25.99
CA ASN B 27 0.54 -31.30 -25.80
C ASN B 27 1.08 -29.93 -25.45
N GLN B 28 2.08 -29.49 -26.18
CA GLN B 28 2.74 -28.20 -25.76
C GLN B 28 2.06 -27.00 -26.44
N SER B 29 2.15 -25.83 -25.80
CA SER B 29 1.56 -24.60 -26.31
C SER B 29 2.64 -23.54 -26.39
N PRO B 30 2.41 -22.44 -27.17
CA PRO B 30 1.25 -22.20 -27.99
C PRO B 30 1.32 -23.02 -29.30
N VAL B 31 0.28 -22.89 -30.11
CA VAL B 31 0.25 -23.57 -31.39
C VAL B 31 -0.27 -22.62 -32.46
N ASP B 32 -0.02 -22.98 -33.70
CA ASP B 32 -0.66 -22.28 -34.83
C ASP B 32 -2.05 -22.89 -35.03
N ILE B 33 -3.05 -22.03 -35.13
CA ILE B 33 -4.41 -22.52 -35.44
C ILE B 33 -4.58 -22.34 -36.94
N LYS B 34 -4.65 -23.47 -37.66
CA LYS B 34 -4.97 -23.43 -39.09
C LYS B 34 -6.48 -23.58 -39.27
N THR B 35 -7.10 -22.50 -39.71
CA THR B 35 -8.54 -22.37 -39.68
C THR B 35 -9.22 -23.39 -40.61
N SER B 36 -8.51 -23.77 -41.68
CA SER B 36 -9.13 -24.79 -42.53
C SER B 36 -9.06 -26.21 -41.91
N GLU B 37 -8.33 -26.40 -40.80
CA GLU B 37 -8.21 -27.75 -40.18
C GLU B 37 -9.03 -27.82 -38.86
N THR B 38 -9.66 -26.72 -38.49
CA THR B 38 -10.45 -26.77 -37.24
C THR B 38 -11.72 -27.60 -37.47
N LYS B 39 -12.20 -28.19 -36.40
CA LYS B 39 -13.46 -28.95 -36.47
C LYS B 39 -14.53 -28.32 -35.61
N HIS B 40 -15.76 -28.28 -36.11
CA HIS B 40 -16.82 -27.84 -35.21
C HIS B 40 -17.38 -28.92 -34.35
N ASP B 41 -17.31 -28.73 -33.04
CA ASP B 41 -17.84 -29.68 -32.08
C ASP B 41 -19.16 -29.15 -31.52
N THR B 42 -20.28 -29.84 -31.84
CA THR B 42 -21.59 -29.25 -31.50
C THR B 42 -21.83 -29.31 -29.96
N SER B 43 -21.00 -30.05 -29.22
CA SER B 43 -21.17 -30.15 -27.78
C SER B 43 -20.59 -28.90 -27.04
N LEU B 44 -19.77 -28.12 -27.71
CA LEU B 44 -19.27 -26.82 -27.05
C LEU B 44 -20.43 -25.83 -26.77
N LYS B 45 -20.40 -25.26 -25.58
CA LYS B 45 -21.31 -24.27 -25.19
C LYS B 45 -20.58 -22.93 -25.38
N PRO B 46 -21.35 -21.85 -25.44
CA PRO B 46 -20.68 -20.57 -25.44
C PRO B 46 -19.86 -20.49 -24.08
N ILE B 47 -18.88 -19.60 -24.06
CA ILE B 47 -18.11 -19.33 -22.82
C ILE B 47 -18.88 -18.28 -22.05
N SER B 48 -18.94 -18.42 -20.72
CA SER B 48 -19.56 -17.43 -19.85
C SER B 48 -18.46 -17.00 -18.86
N VAL B 49 -18.18 -15.70 -18.77
CA VAL B 49 -17.29 -15.28 -17.71
C VAL B 49 -18.07 -14.38 -16.77
N SER B 50 -17.89 -14.58 -15.49
CA SER B 50 -18.66 -13.83 -14.50
C SER B 50 -17.65 -13.51 -13.38
N TYR B 51 -17.03 -12.37 -13.54
CA TYR B 51 -15.98 -11.95 -12.65
C TYR B 51 -16.43 -10.89 -11.68
N ASN B 52 -15.91 -10.96 -10.47
CA ASN B 52 -16.27 -9.97 -9.45
C ASN B 52 -15.08 -9.04 -9.29
N PRO B 53 -15.27 -7.75 -9.55
CA PRO B 53 -14.12 -6.81 -9.56
C PRO B 53 -13.47 -6.65 -8.18
N ALA B 54 -14.17 -7.00 -7.10
CA ALA B 54 -13.60 -6.99 -5.75
C ALA B 54 -12.60 -8.14 -5.50
N THR B 55 -12.49 -9.12 -6.43
CA THR B 55 -11.48 -10.18 -6.30
C THR B 55 -10.09 -9.71 -6.84
N ALA B 56 -9.99 -8.55 -7.50
CA ALA B 56 -8.67 -8.14 -7.95
C ALA B 56 -7.87 -7.85 -6.72
N LYS B 57 -6.60 -8.26 -6.74
CA LYS B 57 -5.78 -8.19 -5.53
C LYS B 57 -4.44 -7.39 -5.72
N GLU B 58 -3.60 -7.82 -6.67
N GLU B 58 -3.59 -7.81 -6.65
CA GLU B 58 -2.22 -7.36 -6.67
CA GLU B 58 -2.22 -7.29 -6.65
C GLU B 58 -1.67 -7.33 -8.08
C GLU B 58 -1.62 -7.38 -8.04
N ILE B 59 -0.68 -6.49 -8.33
CA ILE B 59 0.08 -6.59 -9.57
C ILE B 59 1.50 -6.79 -9.21
N ILE B 60 2.21 -7.63 -9.96
CA ILE B 60 3.58 -7.98 -9.49
C ILE B 60 4.51 -8.14 -10.69
N ASN B 61 5.76 -7.63 -10.61
CA ASN B 61 6.72 -7.85 -11.63
C ASN B 61 7.47 -9.16 -11.31
N VAL B 62 7.34 -10.13 -12.22
CA VAL B 62 7.92 -11.43 -12.01
C VAL B 62 9.22 -11.63 -12.79
N GLY B 63 9.86 -10.55 -13.22
CA GLY B 63 11.13 -10.70 -13.92
C GLY B 63 11.07 -10.90 -15.42
N HIS B 64 10.26 -11.86 -15.89
CA HIS B 64 10.09 -12.03 -17.33
C HIS B 64 8.76 -11.46 -17.79
N SER B 65 7.93 -11.06 -16.87
CA SER B 65 6.60 -10.53 -17.24
C SER B 65 6.03 -9.81 -16.04
N PHE B 66 4.75 -9.44 -16.07
CA PHE B 66 4.13 -8.96 -14.87
C PHE B 66 2.75 -9.64 -14.82
N HIS B 67 2.19 -9.83 -13.61
CA HIS B 67 0.93 -10.56 -13.41
C HIS B 67 0.00 -9.71 -12.65
N VAL B 68 -1.30 -9.79 -12.95
CA VAL B 68 -2.32 -9.19 -12.07
C VAL B 68 -3.05 -10.37 -11.49
N ASN B 69 -3.01 -10.47 -10.15
CA ASN B 69 -3.51 -11.61 -9.42
C ASN B 69 -4.79 -11.30 -8.70
N PHE B 70 -5.62 -12.33 -8.59
CA PHE B 70 -6.94 -12.25 -8.00
C PHE B 70 -7.10 -13.16 -6.79
N GLU B 71 -7.91 -12.73 -5.81
CA GLU B 71 -8.18 -13.63 -4.71
C GLU B 71 -8.93 -14.85 -5.22
N ASP B 72 -8.53 -16.04 -4.81
CA ASP B 72 -9.10 -17.23 -5.47
C ASP B 72 -9.45 -18.27 -4.40
N ASN B 73 -9.96 -17.79 -3.25
CA ASN B 73 -10.37 -18.74 -2.18
C ASN B 73 -11.87 -19.10 -2.25
N ASP B 74 -12.58 -18.49 -3.18
CA ASP B 74 -13.92 -18.96 -3.45
C ASP B 74 -14.23 -18.76 -4.90
N ASN B 75 -15.48 -19.04 -5.28
CA ASN B 75 -15.89 -18.89 -6.68
C ASN B 75 -16.62 -17.64 -7.00
N ARG B 76 -16.16 -16.53 -6.44
CA ARG B 76 -16.72 -15.26 -6.84
C ARG B 76 -16.48 -14.92 -8.35
N SER B 77 -15.31 -15.36 -8.89
CA SER B 77 -14.96 -14.93 -10.26
C SER B 77 -14.73 -16.23 -11.00
N VAL B 78 -15.63 -16.63 -11.93
CA VAL B 78 -15.53 -17.94 -12.58
C VAL B 78 -15.75 -17.86 -14.11
N LEU B 79 -15.09 -18.79 -14.81
CA LEU B 79 -15.31 -19.15 -16.23
C LEU B 79 -16.19 -20.41 -16.29
N LYS B 80 -17.23 -20.40 -17.12
CA LYS B 80 -18.03 -21.64 -17.26
C LYS B 80 -18.30 -21.81 -18.74
N GLY B 81 -18.90 -22.96 -19.07
CA GLY B 81 -19.35 -23.10 -20.50
C GLY B 81 -18.25 -23.64 -21.38
N GLY B 82 -18.30 -23.28 -22.68
CA GLY B 82 -17.32 -23.84 -23.64
C GLY B 82 -17.21 -25.35 -23.56
N PRO B 83 -15.99 -25.88 -23.46
CA PRO B 83 -15.86 -27.33 -23.34
C PRO B 83 -15.92 -27.84 -21.94
N PHE B 84 -16.22 -27.00 -20.93
CA PHE B 84 -16.07 -27.46 -19.55
C PHE B 84 -17.38 -27.91 -18.94
N SER B 85 -17.34 -28.96 -18.11
CA SER B 85 -18.51 -29.28 -17.28
C SER B 85 -18.49 -28.56 -15.92
N ASP B 86 -17.28 -28.31 -15.39
CA ASP B 86 -16.99 -27.69 -14.08
C ASP B 86 -16.80 -26.18 -14.27
N SER B 87 -17.11 -25.34 -13.28
CA SER B 87 -16.59 -23.96 -13.28
C SER B 87 -15.08 -23.90 -12.92
N TYR B 88 -14.37 -22.93 -13.53
CA TYR B 88 -12.94 -22.71 -13.25
C TYR B 88 -12.80 -21.33 -12.61
N ARG B 89 -11.95 -21.23 -11.59
CA ARG B 89 -11.82 -20.01 -10.83
C ARG B 89 -10.73 -19.09 -11.35
N LEU B 90 -11.12 -17.88 -11.65
CA LEU B 90 -10.15 -16.83 -12.08
C LEU B 90 -8.99 -16.69 -11.07
N PHE B 91 -7.75 -16.68 -11.53
CA PHE B 91 -6.64 -16.32 -10.58
C PHE B 91 -5.69 -15.25 -11.09
N GLN B 92 -5.57 -15.03 -12.40
CA GLN B 92 -4.58 -14.05 -12.86
C GLN B 92 -4.89 -13.65 -14.29
N PHE B 93 -4.47 -12.45 -14.68
CA PHE B 93 -4.19 -12.26 -16.14
C PHE B 93 -2.81 -11.67 -16.32
N HIS B 94 -2.30 -11.85 -17.53
CA HIS B 94 -0.99 -11.26 -17.91
C HIS B 94 -0.89 -11.19 -19.42
N PHE B 95 0.23 -10.65 -19.89
CA PHE B 95 0.36 -10.49 -21.34
C PHE B 95 1.68 -11.10 -21.80
N HIS B 96 1.79 -11.35 -23.10
CA HIS B 96 3.06 -11.69 -23.71
C HIS B 96 3.26 -10.71 -24.83
N TRP B 97 4.50 -10.30 -25.07
CA TRP B 97 4.84 -9.42 -26.21
C TRP B 97 6.17 -9.77 -26.80
N GLY B 98 6.51 -9.09 -27.88
CA GLY B 98 7.69 -9.38 -28.65
C GLY B 98 8.60 -8.18 -28.67
N SER B 99 9.79 -8.40 -29.25
CA SER B 99 10.79 -7.34 -29.24
C SER B 99 10.45 -6.23 -30.25
N THR B 100 9.61 -6.51 -31.27
CA THR B 100 9.08 -5.46 -32.16
C THR B 100 7.53 -5.55 -32.19
N ASN B 101 6.87 -4.56 -32.79
CA ASN B 101 5.39 -4.53 -32.77
C ASN B 101 4.80 -5.48 -33.70
N GLU B 102 5.62 -6.12 -34.51
CA GLU B 102 4.99 -6.89 -35.58
C GLU B 102 4.59 -8.16 -34.91
N HIS B 103 5.48 -8.72 -34.11
CA HIS B 103 5.40 -10.06 -33.72
C HIS B 103 5.70 -10.39 -32.28
N GLY B 104 4.69 -10.59 -31.46
CA GLY B 104 4.84 -10.92 -30.07
C GLY B 104 3.76 -11.75 -29.42
N SER B 105 2.76 -12.15 -30.19
CA SER B 105 1.79 -13.14 -29.62
C SER B 105 2.42 -14.50 -29.51
N GLU B 106 1.74 -15.38 -28.80
CA GLU B 106 2.23 -16.77 -28.62
C GLU B 106 1.46 -17.60 -29.64
N HIS B 107 0.14 -17.60 -29.56
CA HIS B 107 -0.63 -18.32 -30.62
C HIS B 107 -0.55 -17.56 -31.90
N THR B 108 -0.66 -18.32 -33.01
CA THR B 108 -0.75 -17.68 -34.35
C THR B 108 -1.96 -18.22 -34.99
N VAL B 109 -2.45 -17.53 -36.03
CA VAL B 109 -3.72 -18.01 -36.71
C VAL B 109 -3.35 -18.02 -38.19
N ASP B 110 -3.39 -19.23 -38.80
CA ASP B 110 -2.99 -19.39 -40.22
C ASP B 110 -1.61 -18.83 -40.47
N GLY B 111 -0.71 -19.02 -39.51
CA GLY B 111 0.65 -18.58 -39.68
C GLY B 111 0.90 -17.12 -39.33
N VAL B 112 -0.13 -16.32 -39.05
CA VAL B 112 0.04 -14.91 -38.75
C VAL B 112 0.29 -14.66 -37.26
N LYS B 113 1.39 -13.96 -37.01
N LYS B 113 1.41 -14.01 -36.96
CA LYS B 113 1.77 -13.48 -35.68
CA LYS B 113 1.70 -13.68 -35.58
C LYS B 113 1.13 -12.14 -35.39
C LYS B 113 1.28 -12.22 -35.33
N TYR B 114 0.59 -12.00 -34.20
CA TYR B 114 0.08 -10.70 -33.78
C TYR B 114 1.07 -9.99 -32.84
N SER B 115 0.77 -8.74 -32.48
CA SER B 115 1.72 -8.00 -31.72
C SER B 115 1.89 -8.45 -30.26
N ALA B 116 0.80 -8.97 -29.65
CA ALA B 116 0.89 -9.32 -28.24
C ALA B 116 -0.27 -10.27 -27.99
N GLU B 117 -0.36 -10.76 -26.79
CA GLU B 117 -1.43 -11.74 -26.43
C GLU B 117 -1.81 -11.52 -24.96
N LEU B 118 -3.11 -11.53 -24.66
CA LEU B 118 -3.57 -11.49 -23.30
C LEU B 118 -3.93 -12.90 -22.90
N HIS B 119 -3.53 -13.28 -21.70
CA HIS B 119 -3.91 -14.58 -21.08
C HIS B 119 -4.66 -14.36 -19.79
N VAL B 120 -5.85 -14.96 -19.69
CA VAL B 120 -6.71 -14.87 -18.50
C VAL B 120 -6.84 -16.28 -17.99
N ALA B 121 -6.25 -16.54 -16.81
CA ALA B 121 -5.99 -17.93 -16.34
C ALA B 121 -6.88 -18.32 -15.15
N HIS B 122 -7.37 -19.57 -15.17
CA HIS B 122 -8.36 -20.03 -14.17
C HIS B 122 -7.98 -21.39 -13.77
N TRP B 123 -8.42 -21.88 -12.58
CA TRP B 123 -8.08 -23.24 -12.22
C TRP B 123 -9.34 -24.03 -11.73
N ASN B 124 -9.22 -25.36 -11.80
CA ASN B 124 -10.41 -26.24 -11.66
C ASN B 124 -10.62 -26.53 -10.17
N SER B 125 -11.45 -25.71 -9.61
CA SER B 125 -11.68 -25.72 -8.15
C SER B 125 -12.72 -26.80 -7.85
N ALA B 126 -13.55 -27.17 -8.82
CA ALA B 126 -14.44 -28.36 -8.60
C ALA B 126 -13.65 -29.66 -8.32
N LYS B 127 -12.47 -29.83 -8.90
CA LYS B 127 -11.72 -31.06 -8.71
C LYS B 127 -10.58 -30.98 -7.70
N TYR B 128 -9.93 -29.82 -7.65
CA TYR B 128 -8.68 -29.68 -6.92
C TYR B 128 -8.81 -28.69 -5.77
N SER B 129 -7.88 -28.82 -4.81
CA SER B 129 -7.86 -28.00 -3.58
C SER B 129 -7.36 -26.59 -3.79
N SER B 130 -6.36 -26.41 -4.65
CA SER B 130 -5.81 -25.09 -4.84
C SER B 130 -5.22 -24.99 -6.27
N LEU B 131 -4.75 -23.79 -6.62
CA LEU B 131 -4.01 -23.59 -7.84
C LEU B 131 -2.77 -24.46 -7.86
N ALA B 132 -2.07 -24.53 -6.71
CA ALA B 132 -0.79 -25.31 -6.68
C ALA B 132 -1.05 -26.77 -7.05
N GLU B 133 -2.19 -27.31 -6.58
CA GLU B 133 -2.59 -28.70 -6.84
C GLU B 133 -2.97 -28.83 -8.34
N ALA B 134 -3.81 -27.92 -8.76
CA ALA B 134 -4.41 -27.94 -10.16
C ALA B 134 -3.39 -27.80 -11.25
N ALA B 135 -2.29 -27.10 -11.02
CA ALA B 135 -1.41 -26.65 -12.09
C ALA B 135 -0.79 -27.78 -12.83
N SER B 136 -0.63 -28.94 -12.16
CA SER B 136 0.05 -30.07 -12.78
C SER B 136 -0.90 -31.12 -13.37
N LYS B 137 -2.19 -30.87 -13.40
CA LYS B 137 -3.18 -31.91 -13.67
C LYS B 137 -3.69 -31.65 -15.07
N ALA B 138 -4.11 -32.68 -15.80
CA ALA B 138 -4.44 -32.45 -17.24
C ALA B 138 -5.66 -31.55 -17.41
N ASP B 139 -6.59 -31.62 -16.47
CA ASP B 139 -7.80 -30.82 -16.46
C ASP B 139 -7.71 -29.68 -15.43
N GLY B 140 -6.49 -29.24 -15.12
CA GLY B 140 -6.42 -28.33 -13.97
C GLY B 140 -6.64 -26.88 -14.27
N LEU B 141 -6.26 -26.45 -15.49
CA LEU B 141 -6.28 -25.02 -15.79
C LEU B 141 -7.10 -24.73 -17.07
N ALA B 142 -7.61 -23.51 -17.14
CA ALA B 142 -8.26 -23.04 -18.38
C ALA B 142 -7.74 -21.66 -18.58
N VAL B 143 -7.19 -21.40 -19.76
CA VAL B 143 -6.68 -20.08 -20.05
C VAL B 143 -7.32 -19.54 -21.35
N ILE B 144 -7.86 -18.33 -21.22
CA ILE B 144 -8.42 -17.56 -22.36
C ILE B 144 -7.31 -16.77 -22.96
N GLY B 145 -7.06 -16.93 -24.27
CA GLY B 145 -6.00 -16.14 -24.92
C GLY B 145 -6.71 -15.21 -25.91
N VAL B 146 -6.25 -13.96 -25.97
CA VAL B 146 -6.81 -12.92 -26.84
C VAL B 146 -5.64 -12.33 -27.60
N LEU B 147 -5.68 -12.41 -28.94
CA LEU B 147 -4.63 -11.88 -29.76
C LEU B 147 -4.81 -10.36 -29.79
N MET B 148 -3.69 -9.65 -29.76
CA MET B 148 -3.68 -8.18 -29.69
C MET B 148 -2.99 -7.68 -30.93
N LYS B 149 -3.72 -6.90 -31.71
CA LYS B 149 -3.24 -6.33 -32.99
C LYS B 149 -2.84 -4.85 -32.82
N VAL B 150 -1.61 -4.53 -33.19
CA VAL B 150 -1.12 -3.12 -33.07
C VAL B 150 -1.97 -2.20 -33.95
N GLY B 151 -2.42 -1.09 -33.37
CA GLY B 151 -3.29 -0.12 -34.10
C GLY B 151 -3.65 0.94 -33.11
N GLU B 152 -4.94 1.24 -32.94
CA GLU B 152 -5.35 2.30 -31.98
C GLU B 152 -5.02 1.95 -30.57
N ALA B 153 -4.72 2.99 -29.77
CA ALA B 153 -4.66 2.72 -28.34
C ALA B 153 -5.91 2.06 -27.76
N ASN B 154 -5.70 1.13 -26.84
CA ASN B 154 -6.80 0.48 -26.19
C ASN B 154 -7.05 1.06 -24.82
N PRO B 155 -8.15 1.80 -24.67
CA PRO B 155 -8.34 2.47 -23.40
C PRO B 155 -8.62 1.54 -22.22
N LYS B 156 -9.01 0.30 -22.49
CA LYS B 156 -9.29 -0.67 -21.45
C LYS B 156 -8.03 -1.11 -20.74
N LEU B 157 -6.92 -0.96 -21.42
CA LEU B 157 -5.57 -1.24 -20.82
C LEU B 157 -5.06 -0.19 -19.86
N GLN B 158 -5.71 0.98 -19.80
CA GLN B 158 -5.21 2.10 -18.97
C GLN B 158 -4.91 1.82 -17.53
N LYS B 159 -5.83 1.18 -16.77
CA LYS B 159 -5.56 0.99 -15.34
C LYS B 159 -4.35 0.11 -15.21
N VAL B 160 -4.26 -0.93 -16.09
CA VAL B 160 -3.08 -1.78 -16.05
C VAL B 160 -1.81 -1.02 -16.31
N LEU B 161 -1.80 -0.29 -17.39
CA LEU B 161 -0.54 0.38 -17.79
C LEU B 161 -0.15 1.46 -16.78
N ASP B 162 -1.13 2.16 -16.20
CA ASP B 162 -0.85 3.20 -15.18
C ASP B 162 -0.22 2.55 -13.91
N ALA B 163 -0.51 1.30 -13.65
CA ALA B 163 -0.02 0.63 -12.44
C ALA B 163 1.44 0.21 -12.58
N LEU B 164 1.92 0.14 -13.81
CA LEU B 164 3.25 -0.43 -14.04
C LEU B 164 4.37 0.42 -13.35
N GLN B 165 4.15 1.69 -13.17
CA GLN B 165 5.21 2.54 -12.57
C GLN B 165 5.57 2.15 -11.14
N ALA B 166 4.66 1.47 -10.47
CA ALA B 166 4.82 1.01 -9.09
C ALA B 166 5.52 -0.34 -9.02
N ILE B 167 5.74 -0.99 -10.18
CA ILE B 167 6.37 -2.35 -10.20
C ILE B 167 7.46 -2.45 -11.19
N LYS B 168 8.39 -1.46 -11.18
CA LYS B 168 9.22 -1.41 -12.34
C LYS B 168 10.26 -2.49 -12.38
N THR B 169 10.68 -3.02 -11.20
CA THR B 169 11.78 -4.00 -11.18
C THR B 169 11.26 -5.35 -10.58
N LYS B 170 12.07 -6.36 -10.83
CA LYS B 170 11.79 -7.73 -10.41
C LYS B 170 11.43 -7.85 -8.94
N GLY B 171 10.25 -8.45 -8.70
CA GLY B 171 9.76 -8.68 -7.34
C GLY B 171 8.94 -7.60 -6.69
N LYS B 172 8.91 -6.38 -7.29
CA LYS B 172 8.02 -5.40 -6.80
C LYS B 172 6.53 -5.78 -6.98
N ARG B 173 5.72 -5.37 -6.02
CA ARG B 173 4.32 -5.65 -6.11
C ARG B 173 3.55 -4.56 -5.48
N ALA B 174 2.30 -4.42 -5.91
CA ALA B 174 1.47 -3.32 -5.40
C ALA B 174 0.05 -3.78 -5.36
N PRO B 175 -0.82 -3.15 -4.51
CA PRO B 175 -2.23 -3.53 -4.57
C PRO B 175 -2.82 -3.16 -5.92
N PHE B 176 -3.79 -3.97 -6.38
CA PHE B 176 -4.45 -3.68 -7.64
C PHE B 176 -5.86 -4.17 -7.46
N THR B 177 -6.78 -3.22 -7.27
CA THR B 177 -8.09 -3.64 -6.75
C THR B 177 -9.20 -3.14 -7.65
N ASN B 178 -10.40 -3.63 -7.38
CA ASN B 178 -11.61 -3.19 -8.08
C ASN B 178 -11.46 -3.21 -9.62
N PHE B 179 -11.27 -4.41 -10.16
CA PHE B 179 -11.03 -4.49 -11.64
C PHE B 179 -11.59 -5.79 -12.14
N ASP B 180 -12.47 -5.71 -13.15
CA ASP B 180 -13.04 -6.91 -13.81
C ASP B 180 -12.31 -7.10 -15.16
N PRO B 181 -11.46 -8.15 -15.30
CA PRO B 181 -10.69 -8.29 -16.49
C PRO B 181 -11.56 -8.77 -17.71
N SER B 182 -12.84 -9.06 -17.52
CA SER B 182 -13.67 -9.33 -18.71
C SER B 182 -13.84 -8.07 -19.54
N THR B 183 -13.54 -6.92 -18.97
CA THR B 183 -13.52 -5.69 -19.77
C THR B 183 -12.39 -5.65 -20.83
N LEU B 184 -11.44 -6.55 -20.69
CA LEU B 184 -10.33 -6.57 -21.65
C LEU B 184 -10.63 -7.53 -22.81
N LEU B 185 -11.66 -8.36 -22.65
CA LEU B 185 -12.02 -9.34 -23.71
C LEU B 185 -12.67 -8.68 -24.91
N PRO B 186 -12.62 -9.32 -26.12
CA PRO B 186 -13.32 -8.79 -27.23
C PRO B 186 -14.85 -8.88 -27.06
N SER B 187 -15.57 -8.21 -27.94
CA SER B 187 -17.04 -8.07 -27.74
C SER B 187 -17.73 -9.41 -27.86
N SER B 188 -17.27 -10.19 -28.82
CA SER B 188 -17.73 -11.57 -29.02
C SER B 188 -16.74 -12.55 -28.46
N LEU B 189 -17.27 -13.62 -27.88
CA LEU B 189 -16.45 -14.66 -27.28
C LEU B 189 -16.49 -15.96 -28.11
N ASP B 190 -16.62 -15.82 -29.43
CA ASP B 190 -16.40 -16.98 -30.28
C ASP B 190 -14.99 -17.48 -30.07
N PHE B 191 -14.77 -18.78 -30.11
CA PHE B 191 -13.43 -19.27 -29.74
C PHE B 191 -13.03 -20.57 -30.42
N TRP B 192 -11.72 -20.83 -30.40
CA TRP B 192 -11.08 -22.16 -30.68
C TRP B 192 -10.68 -22.76 -29.36
N THR B 193 -10.77 -24.07 -29.24
CA THR B 193 -10.18 -24.66 -28.00
C THR B 193 -9.31 -25.87 -28.37
N TYR B 194 -8.23 -26.10 -27.63
CA TYR B 194 -7.46 -27.32 -27.79
C TYR B 194 -6.75 -27.65 -26.45
N PRO B 195 -6.27 -28.86 -26.30
CA PRO B 195 -5.62 -29.20 -25.03
C PRO B 195 -4.16 -28.90 -25.16
N GLY B 196 -3.64 -28.19 -24.16
CA GLY B 196 -2.30 -27.72 -24.26
C GLY B 196 -1.58 -27.58 -22.90
N SER B 197 -0.63 -26.66 -22.86
CA SER B 197 0.31 -26.59 -21.77
C SER B 197 0.47 -25.14 -21.32
N LEU B 198 1.07 -24.97 -20.13
CA LEU B 198 1.58 -23.62 -19.79
C LEU B 198 2.60 -23.25 -20.88
N THR B 199 2.75 -21.95 -21.22
CA THR B 199 3.68 -21.62 -22.31
C THR B 199 5.08 -21.27 -21.84
N HIS B 200 5.31 -21.39 -20.51
CA HIS B 200 6.69 -21.28 -20.02
C HIS B 200 6.86 -22.28 -18.89
N PRO B 201 8.11 -22.51 -18.42
CA PRO B 201 8.39 -23.46 -17.34
C PRO B 201 7.46 -23.16 -16.18
N PRO B 202 6.82 -24.17 -15.60
CA PRO B 202 7.17 -25.60 -15.71
C PRO B 202 6.55 -26.37 -16.88
N LEU B 203 5.77 -25.65 -17.73
CA LEU B 203 5.37 -26.26 -19.05
C LEU B 203 4.45 -27.46 -18.86
N TYR B 204 3.79 -27.53 -17.70
CA TYR B 204 2.87 -28.64 -17.48
C TYR B 204 1.79 -28.67 -18.56
N GLU B 205 1.36 -29.87 -18.92
CA GLU B 205 0.32 -30.01 -19.96
C GLU B 205 -1.02 -30.08 -19.31
N SER B 206 -1.39 -29.00 -18.65
CA SER B 206 -2.52 -28.90 -17.80
C SER B 206 -3.55 -27.88 -18.20
N VAL B 207 -3.39 -27.33 -19.44
CA VAL B 207 -4.23 -26.20 -19.84
C VAL B 207 -5.28 -26.57 -20.94
N THR B 208 -6.52 -26.21 -20.70
CA THR B 208 -7.51 -26.20 -21.81
C THR B 208 -7.48 -24.78 -22.30
N TRP B 209 -7.01 -24.59 -23.56
CA TRP B 209 -6.93 -23.25 -24.11
C TRP B 209 -8.22 -22.80 -24.72
N ILE B 210 -8.55 -21.52 -24.50
CA ILE B 210 -9.77 -20.93 -25.11
C ILE B 210 -9.21 -19.74 -25.86
N ILE B 211 -9.08 -19.84 -27.18
CA ILE B 211 -8.46 -18.75 -27.98
C ILE B 211 -9.59 -17.98 -28.68
N CYS B 212 -9.73 -16.70 -28.34
CA CYS B 212 -10.83 -15.90 -28.95
C CYS B 212 -10.57 -15.72 -30.47
N LYS B 213 -11.65 -15.83 -31.26
CA LYS B 213 -11.50 -15.56 -32.66
C LYS B 213 -11.34 -14.09 -32.98
N GLU B 214 -11.87 -13.23 -32.14
N GLU B 214 -11.91 -13.24 -32.12
CA GLU B 214 -11.74 -11.79 -32.37
CA GLU B 214 -11.83 -11.74 -32.24
C GLU B 214 -10.58 -11.22 -31.58
C GLU B 214 -10.55 -11.25 -31.56
N SER B 215 -9.83 -10.34 -32.21
CA SER B 215 -8.62 -9.71 -31.53
C SER B 215 -9.06 -8.44 -30.78
N ILE B 216 -8.14 -7.88 -29.96
CA ILE B 216 -8.38 -6.53 -29.43
C ILE B 216 -7.17 -5.67 -29.85
N SER B 217 -7.30 -4.35 -29.75
N SER B 217 -7.31 -4.35 -29.70
CA SER B 217 -6.19 -3.51 -30.21
CA SER B 217 -6.28 -3.46 -30.21
C SER B 217 -5.17 -3.22 -29.09
C SER B 217 -5.27 -3.05 -29.09
N VAL B 218 -4.09 -2.55 -29.50
CA VAL B 218 -3.04 -2.07 -28.54
C VAL B 218 -2.20 -1.12 -29.42
N SER B 219 -1.77 -0.01 -28.83
CA SER B 219 -0.95 0.89 -29.63
C SER B 219 0.55 0.59 -29.51
N SER B 220 1.34 1.05 -30.48
N SER B 220 1.32 1.12 -30.46
CA SER B 220 2.78 0.88 -30.39
CA SER B 220 2.79 0.96 -30.45
C SER B 220 3.33 1.45 -29.04
C SER B 220 3.37 1.49 -29.12
N GLU B 221 2.78 2.56 -28.58
CA GLU B 221 3.29 3.18 -27.31
C GLU B 221 2.88 2.36 -26.10
N GLN B 222 1.71 1.76 -26.15
CA GLN B 222 1.31 0.87 -25.07
C GLN B 222 2.24 -0.35 -25.04
N LEU B 223 2.55 -0.96 -26.19
CA LEU B 223 3.53 -2.04 -26.19
C LEU B 223 4.83 -1.57 -25.60
N ALA B 224 5.24 -0.35 -25.92
CA ALA B 224 6.56 0.07 -25.42
C ALA B 224 6.48 0.20 -23.90
N GLN B 225 5.31 0.47 -23.31
CA GLN B 225 5.21 0.56 -21.88
C GLN B 225 5.42 -0.84 -21.28
N PHE B 226 4.90 -1.90 -21.93
CA PHE B 226 5.23 -3.24 -21.44
C PHE B 226 6.75 -3.50 -21.44
N ARG B 227 7.40 -3.09 -22.53
CA ARG B 227 8.87 -3.27 -22.68
C ARG B 227 9.71 -2.50 -21.87
N SER B 228 9.15 -1.48 -21.25
CA SER B 228 9.90 -0.63 -20.35
C SER B 228 9.95 -1.23 -18.94
N LEU B 229 9.16 -2.27 -18.67
CA LEU B 229 9.31 -2.93 -17.34
C LEU B 229 10.72 -3.52 -17.31
N LEU B 230 11.28 -3.61 -16.07
CA LEU B 230 12.65 -4.09 -15.96
C LEU B 230 12.75 -5.52 -15.40
N SER B 231 13.65 -6.33 -15.91
CA SER B 231 13.70 -7.72 -15.46
C SER B 231 14.70 -7.85 -14.29
N ASN B 232 15.52 -6.84 -14.07
CA ASN B 232 16.54 -6.89 -12.96
C ASN B 232 15.91 -6.48 -11.70
N VAL B 233 16.60 -6.75 -10.56
CA VAL B 233 16.10 -6.24 -9.29
C VAL B 233 16.60 -4.76 -9.03
N GLU B 234 15.90 -4.08 -8.15
CA GLU B 234 16.12 -2.66 -7.83
C GLU B 234 17.59 -2.45 -7.48
N GLY B 235 18.19 -1.45 -8.13
CA GLY B 235 19.62 -1.15 -7.91
C GLY B 235 20.57 -1.73 -8.91
N ASP B 236 20.25 -2.85 -9.54
CA ASP B 236 21.09 -3.35 -10.61
C ASP B 236 20.88 -2.48 -11.87
N ASN B 237 21.78 -2.63 -12.81
CA ASN B 237 21.66 -1.92 -14.09
C ASN B 237 20.33 -2.36 -14.70
N ALA B 238 19.64 -1.39 -15.31
CA ALA B 238 18.24 -1.61 -15.80
C ALA B 238 18.26 -2.41 -17.09
N VAL B 239 17.49 -3.51 -17.13
CA VAL B 239 17.45 -4.40 -18.28
C VAL B 239 15.96 -4.53 -18.68
N PRO B 240 15.60 -3.90 -19.81
CA PRO B 240 14.19 -3.93 -20.21
C PRO B 240 13.70 -5.36 -20.56
N MET B 241 12.41 -5.59 -20.30
CA MET B 241 11.76 -6.87 -20.63
C MET B 241 11.31 -6.80 -22.07
N GLN B 242 12.18 -7.15 -23.00
CA GLN B 242 11.93 -6.82 -24.40
C GLN B 242 10.95 -7.82 -25.00
N HIS B 243 10.93 -9.05 -24.49
CA HIS B 243 10.04 -10.10 -25.10
C HIS B 243 9.87 -11.29 -24.21
N ASN B 244 8.71 -11.95 -24.33
CA ASN B 244 8.44 -13.05 -23.45
C ASN B 244 7.42 -14.04 -24.12
N ASN B 245 7.53 -14.19 -25.44
CA ASN B 245 6.64 -15.11 -26.14
C ASN B 245 7.41 -16.38 -26.55
N ARG B 246 6.79 -17.52 -26.33
CA ARG B 246 7.30 -18.80 -26.82
C ARG B 246 6.93 -19.07 -28.28
N PRO B 247 7.82 -19.65 -29.11
CA PRO B 247 7.42 -20.13 -30.45
C PRO B 247 6.32 -21.15 -30.43
N THR B 248 5.50 -21.17 -31.49
CA THR B 248 4.52 -22.23 -31.57
C THR B 248 5.15 -23.66 -31.67
N GLN B 249 4.42 -24.62 -31.11
CA GLN B 249 4.90 -26.01 -30.97
C GLN B 249 4.07 -26.90 -31.84
N PRO B 250 4.59 -28.12 -32.15
CA PRO B 250 3.92 -29.11 -33.01
C PRO B 250 2.56 -29.48 -32.42
N LEU B 251 1.53 -29.52 -33.26
CA LEU B 251 0.24 -30.00 -32.85
C LEU B 251 0.26 -31.47 -32.46
N LYS B 252 1.14 -32.29 -33.06
CA LYS B 252 1.24 -33.73 -32.65
C LYS B 252 -0.09 -34.46 -32.64
N GLY B 253 -0.91 -34.21 -33.65
CA GLY B 253 -2.15 -34.98 -33.81
C GLY B 253 -3.38 -34.43 -33.06
N ARG B 254 -3.20 -33.33 -32.29
CA ARG B 254 -4.32 -32.68 -31.59
C ARG B 254 -5.25 -32.03 -32.59
N THR B 255 -6.48 -31.89 -32.17
CA THR B 255 -7.46 -31.18 -32.98
C THR B 255 -7.78 -29.88 -32.29
N VAL B 256 -7.77 -28.81 -33.08
CA VAL B 256 -8.38 -27.57 -32.60
C VAL B 256 -9.86 -27.51 -32.95
N ARG B 257 -10.71 -27.42 -31.92
CA ARG B 257 -12.15 -27.31 -32.13
C ARG B 257 -12.58 -25.85 -32.23
N ALA B 258 -13.53 -25.57 -33.11
CA ALA B 258 -14.11 -24.25 -33.21
C ALA B 258 -15.52 -24.17 -32.66
N SER B 259 -15.86 -23.11 -31.91
N SER B 259 -15.80 -23.09 -31.91
CA SER B 259 -17.22 -22.92 -31.45
CA SER B 259 -17.09 -22.77 -31.34
C SER B 259 -18.14 -22.42 -32.59
C SER B 259 -18.09 -22.38 -32.40
N PHE B 260 -19.45 -22.42 -32.34
N PHE B 260 -17.54 -22.12 -33.60
CA PHE B 260 -20.43 -22.15 -33.43
CA PHE B 260 -18.14 -21.44 -34.77
C PHE B 260 -20.24 -20.77 -34.09
C PHE B 260 -19.50 -20.79 -34.61
#